data_5KU7
#
_entry.id   5KU7
#
_cell.length_a   41.855
_cell.length_b   89.117
_cell.length_c   113.858
_cell.angle_alpha   90.00
_cell.angle_beta   90.00
_cell.angle_gamma   90.00
#
_symmetry.space_group_name_H-M   'P 2 21 21'
#
loop_
_entity.id
_entity.type
_entity.pdbx_description
1 polymer 'TIR-NB-LRR type resistance protein RPV1'
2 non-polymer 'MALONIC ACID'
3 water water
#
_entity_poly.entity_id   1
_entity_poly.type   'polypeptide(L)'
_entity_poly.pdbx_seq_one_letter_code
;SNARTTTYDVFLSFRGEDTRYNFTDHLYSALGRRGIRTFRDDRLRRGEAIAPELLKAIEESRSSVIVFSENYAHSRWCLD
ELVKIMECQKDLGHAVFPIFYHVDPSHVRKQEGSFGEAFAGYEENWKDKIPRWRTALTEAANLSGWHLLDDRYESNQIKE
ITNSIFRQLKCKRLDVG
;
_entity_poly.pdbx_strand_id   A,B
#
loop_
_chem_comp.id
_chem_comp.type
_chem_comp.name
_chem_comp.formula
MLA non-polymer 'MALONIC ACID' 'C3 H4 O4'
#
# COMPACT_ATOMS: atom_id res chain seq x y z
N THR A 6 -7.13 15.41 -25.69
CA THR A 6 -6.45 14.48 -24.80
C THR A 6 -7.20 13.18 -24.52
N THR A 7 -6.48 12.18 -24.05
CA THR A 7 -7.00 10.81 -23.85
C THR A 7 -7.15 10.46 -22.37
N TYR A 8 -6.21 10.93 -21.57
CA TYR A 8 -6.17 10.65 -20.14
C TYR A 8 -6.25 11.91 -19.30
N ASP A 9 -6.82 11.79 -18.10
CA ASP A 9 -6.80 12.89 -17.15
C ASP A 9 -5.44 12.98 -16.45
N VAL A 10 -4.89 11.81 -16.14
CA VAL A 10 -3.63 11.73 -15.43
C VAL A 10 -2.67 10.69 -16.03
N PHE A 11 -1.43 11.12 -16.20
CA PHE A 11 -0.34 10.18 -16.49
C PHE A 11 0.42 9.95 -15.19
N LEU A 12 0.50 8.68 -14.78
CA LEU A 12 1.21 8.28 -13.57
C LEU A 12 2.68 7.96 -13.81
N SER A 13 3.57 8.83 -13.36
CA SER A 13 4.99 8.56 -13.45
C SER A 13 5.54 8.06 -12.11
N PHE A 14 6.20 6.91 -12.14
CA PHE A 14 6.65 6.26 -10.93
C PHE A 14 7.85 5.38 -11.26
N ARG A 15 8.60 5.02 -10.23
CA ARG A 15 9.69 4.06 -10.33
C ARG A 15 9.13 2.71 -9.99
N GLY A 16 9.03 1.82 -11.00
CA GLY A 16 8.36 0.54 -10.84
C GLY A 16 8.92 -0.25 -9.68
N GLU A 17 10.25 -0.37 -9.64
CA GLU A 17 10.96 -1.10 -8.61
C GLU A 17 10.64 -0.62 -7.19
N ASP A 18 10.33 0.65 -7.01
CA ASP A 18 10.01 1.13 -5.67
C ASP A 18 8.55 0.91 -5.31
N THR A 19 7.64 1.27 -6.21
CA THR A 19 6.23 1.46 -5.81
C THR A 19 5.20 0.83 -6.75
N ARG A 20 5.64 0.04 -7.73
CA ARG A 20 4.71 -0.44 -8.77
C ARG A 20 3.53 -1.20 -8.19
N TYR A 21 3.84 -2.17 -7.33
CA TYR A 21 2.84 -3.11 -6.89
C TYR A 21 2.10 -2.67 -5.65
N ASN A 22 2.59 -1.63 -4.98
CA ASN A 22 1.91 -1.23 -3.76
C ASN A 22 1.36 0.19 -3.88
N PHE A 23 2.13 1.19 -3.44
CA PHE A 23 1.59 2.54 -3.32
C PHE A 23 0.98 3.09 -4.61
N THR A 24 1.76 3.08 -5.68
CA THR A 24 1.31 3.67 -6.93
C THR A 24 0.06 2.92 -7.42
N ASP A 25 0.01 1.63 -7.15
CA ASP A 25 -1.16 0.83 -7.53
C ASP A 25 -2.42 1.28 -6.77
N HIS A 26 -2.29 1.45 -5.44
CA HIS A 26 -3.40 1.94 -4.59
C HIS A 26 -3.82 3.35 -5.02
N LEU A 27 -2.83 4.18 -5.39
CA LEU A 27 -3.11 5.52 -5.92
C LEU A 27 -3.89 5.45 -7.23
N TYR A 28 -3.39 4.60 -8.11
CA TYR A 28 -3.99 4.35 -9.41
C TYR A 28 -5.44 3.95 -9.26
N SER A 29 -5.68 3.00 -8.37
CA SER A 29 -7.03 2.51 -8.18
C SER A 29 -7.91 3.60 -7.59
N ALA A 30 -7.37 4.38 -6.64
CA ALA A 30 -8.13 5.48 -6.02
C ALA A 30 -8.52 6.53 -7.07
N LEU A 31 -7.61 6.84 -7.99
CA LEU A 31 -7.91 7.83 -9.04
C LEU A 31 -9.08 7.36 -9.89
N GLY A 32 -9.04 6.08 -10.26
CA GLY A 32 -10.08 5.52 -11.09
C GLY A 32 -11.43 5.62 -10.43
N ARG A 33 -11.47 5.36 -9.12
CA ARG A 33 -12.71 5.43 -8.38
C ARG A 33 -13.37 6.80 -8.46
N ARG A 34 -12.56 7.84 -8.66
CA ARG A 34 -13.05 9.22 -8.72
C ARG A 34 -13.33 9.64 -10.16
N GLY A 35 -13.29 8.69 -11.08
CA GLY A 35 -13.57 9.00 -12.47
C GLY A 35 -12.43 9.73 -13.15
N ILE A 36 -11.26 9.68 -12.53
CA ILE A 36 -10.06 10.25 -13.12
C ILE A 36 -9.38 9.23 -14.04
N ARG A 37 -9.55 9.41 -15.36
CA ARG A 37 -8.95 8.47 -16.30
C ARG A 37 -7.43 8.56 -16.27
N THR A 38 -6.78 7.46 -15.89
CA THR A 38 -5.36 7.48 -15.59
C THR A 38 -4.56 6.49 -16.40
N PHE A 39 -3.44 6.96 -16.94
CA PHE A 39 -2.54 6.04 -17.63
C PHE A 39 -1.47 5.57 -16.69
N ARG A 40 -1.45 4.26 -16.46
CA ARG A 40 -0.44 3.64 -15.61
C ARG A 40 0.22 2.50 -16.36
N ASP A 41 1.49 2.68 -16.74
CA ASP A 41 2.16 1.76 -17.66
C ASP A 41 2.34 0.38 -17.02
N ASP A 42 1.81 -0.64 -17.68
CA ASP A 42 1.96 -1.99 -17.17
C ASP A 42 2.46 -2.95 -18.24
N ARG A 43 2.99 -2.39 -19.34
CA ARG A 43 3.49 -3.19 -20.45
C ARG A 43 4.95 -3.57 -20.25
N LEU A 44 5.33 -4.71 -20.85
CA LEU A 44 6.72 -5.10 -20.91
C LEU A 44 7.41 -4.21 -21.92
N ARG A 45 8.54 -3.63 -21.53
CA ARG A 45 9.25 -2.75 -22.42
C ARG A 45 10.73 -3.03 -22.32
N ARG A 46 11.41 -2.93 -23.46
CA ARG A 46 12.85 -3.09 -23.45
C ARG A 46 13.44 -2.07 -24.41
N GLY A 47 14.75 -2.09 -24.56
CA GLY A 47 15.42 -1.12 -25.40
C GLY A 47 15.91 0.05 -24.57
N GLU A 48 17.02 0.65 -25.01
CA GLU A 48 17.69 1.70 -24.25
C GLU A 48 16.89 2.99 -24.18
N ALA A 49 16.18 3.31 -25.25
CA ALA A 49 15.43 4.55 -25.34
C ALA A 49 13.99 4.39 -24.88
N ILE A 50 13.47 5.42 -24.26
CA ILE A 50 12.10 5.37 -23.73
C ILE A 50 11.10 5.15 -24.87
N ALA A 51 10.06 4.38 -24.57
CA ALA A 51 9.05 4.02 -25.56
C ALA A 51 8.24 5.23 -26.05
N PRO A 52 8.09 5.37 -27.38
CA PRO A 52 7.30 6.44 -27.99
C PRO A 52 5.86 6.44 -27.50
N GLU A 53 5.29 5.28 -27.24
CA GLU A 53 3.93 5.18 -26.70
C GLU A 53 3.80 5.96 -25.38
N LEU A 54 4.87 6.01 -24.60
CA LEU A 54 4.85 6.69 -23.32
C LEU A 54 4.89 8.22 -23.46
N LEU A 55 5.74 8.70 -24.36
CA LEU A 55 5.86 10.12 -24.62
C LEU A 55 4.55 10.62 -25.23
N LYS A 56 3.95 9.81 -26.09
CA LYS A 56 2.65 10.15 -26.68
C LYS A 56 1.61 10.22 -25.56
N ALA A 57 1.67 9.28 -24.65
CA ALA A 57 0.71 9.17 -23.55
C ALA A 57 0.72 10.41 -22.67
N ILE A 58 1.92 10.88 -22.34
CA ILE A 58 2.09 12.12 -21.62
C ILE A 58 1.43 13.29 -22.36
N GLU A 59 1.66 13.39 -23.67
CA GLU A 59 1.09 14.49 -24.45
C GLU A 59 -0.42 14.41 -24.50
N GLU A 60 -0.97 13.21 -24.38
CA GLU A 60 -2.42 13.06 -24.46
C GLU A 60 -3.07 13.01 -23.09
N SER A 61 -2.30 13.36 -22.06
CA SER A 61 -2.82 13.44 -20.70
C SER A 61 -3.00 14.88 -20.27
N ARG A 62 -4.08 15.17 -19.54
CA ARG A 62 -4.33 16.53 -19.04
C ARG A 62 -3.34 16.89 -17.93
N SER A 63 -2.83 15.88 -17.23
CA SER A 63 -1.84 16.14 -16.19
C SER A 63 -1.02 14.91 -15.92
N SER A 64 0.05 15.09 -15.15
CA SER A 64 0.83 13.98 -14.65
C SER A 64 0.90 14.00 -13.11
N VAL A 65 0.91 12.82 -12.51
CA VAL A 65 1.18 12.67 -11.08
C VAL A 65 2.52 11.98 -10.99
N ILE A 66 3.47 12.60 -10.29
CA ILE A 66 4.79 12.00 -10.16
C ILE A 66 4.98 11.40 -8.78
N VAL A 67 5.20 10.09 -8.75
CA VAL A 67 5.53 9.43 -7.50
C VAL A 67 7.04 9.40 -7.36
N PHE A 68 7.59 10.49 -6.84
CA PHE A 68 9.00 10.51 -6.51
C PHE A 68 9.24 9.54 -5.36
N SER A 69 10.12 8.57 -5.60
CA SER A 69 10.47 7.58 -4.60
C SER A 69 11.98 7.45 -4.61
N GLU A 70 12.51 6.72 -3.63
CA GLU A 70 13.94 6.66 -3.35
C GLU A 70 14.83 6.49 -4.58
N ASN A 71 14.40 5.65 -5.53
CA ASN A 71 15.25 5.30 -6.65
C ASN A 71 14.73 5.77 -8.00
N TYR A 72 13.85 6.76 -7.97
CA TYR A 72 13.28 7.33 -9.19
C TYR A 72 14.36 7.82 -10.17
N ALA A 73 15.33 8.57 -9.67
CA ALA A 73 16.37 9.12 -10.53
C ALA A 73 17.33 8.03 -11.00
N HIS A 74 17.23 6.83 -10.43
CA HIS A 74 18.09 5.74 -10.87
C HIS A 74 17.58 5.11 -12.15
N SER A 75 16.49 5.66 -12.68
CA SER A 75 15.97 5.15 -13.92
C SER A 75 15.98 6.26 -14.95
N ARG A 76 16.76 6.06 -16.01
CA ARG A 76 16.86 7.03 -17.07
C ARG A 76 15.51 7.20 -17.72
N TRP A 77 14.75 6.11 -17.83
CA TRP A 77 13.41 6.17 -18.37
C TRP A 77 12.54 7.10 -17.53
N CYS A 78 12.60 6.96 -16.20
CA CYS A 78 11.87 7.88 -15.33
C CYS A 78 12.29 9.35 -15.62
N LEU A 79 13.59 9.57 -15.73
CA LEU A 79 14.09 10.93 -15.94
C LEU A 79 13.67 11.48 -17.31
N ASP A 80 13.77 10.65 -18.35
CA ASP A 80 13.36 11.10 -19.69
C ASP A 80 11.86 11.35 -19.69
N GLU A 81 11.14 10.52 -18.94
CA GLU A 81 9.71 10.70 -18.70
C GLU A 81 9.40 12.07 -18.13
N LEU A 82 10.14 12.41 -17.08
CA LEU A 82 9.95 13.64 -16.35
C LEU A 82 10.24 14.86 -17.20
N VAL A 83 11.25 14.77 -18.05
CA VAL A 83 11.59 15.88 -18.95
C VAL A 83 10.43 16.16 -19.90
N LYS A 84 9.88 15.10 -20.49
CA LYS A 84 8.72 15.22 -21.36
C LYS A 84 7.55 15.87 -20.63
N ILE A 85 7.31 15.42 -19.40
CA ILE A 85 6.22 15.94 -18.58
C ILE A 85 6.36 17.43 -18.35
N MET A 86 7.57 17.86 -18.03
CA MET A 86 7.81 19.26 -17.77
C MET A 86 7.75 20.12 -19.03
N GLU A 87 8.14 19.53 -20.17
CA GLU A 87 8.03 20.20 -21.47
C GLU A 87 6.58 20.45 -21.85
N CYS A 88 5.72 19.46 -21.60
CA CYS A 88 4.29 19.60 -21.88
C CYS A 88 3.70 20.63 -20.94
N GLN A 89 4.41 20.86 -19.84
CA GLN A 89 3.97 21.78 -18.82
C GLN A 89 4.18 23.22 -19.27
N LYS A 90 5.35 23.49 -19.87
CA LYS A 90 5.65 24.79 -20.45
C LYS A 90 4.83 25.03 -21.72
N ASP A 91 4.97 24.13 -22.68
CA ASP A 91 4.43 24.32 -24.04
C ASP A 91 2.94 23.99 -24.16
N LEU A 92 2.50 22.91 -23.53
CA LEU A 92 1.08 22.59 -23.46
C LEU A 92 0.53 23.15 -22.15
N GLY A 93 -0.70 22.84 -21.81
CA GLY A 93 -1.27 23.32 -20.56
C GLY A 93 -1.21 22.26 -19.48
N HIS A 94 -0.18 21.43 -19.55
CA HIS A 94 -0.09 20.21 -18.77
C HIS A 94 0.13 20.49 -17.29
N ALA A 95 -0.79 20.00 -16.46
CA ALA A 95 -0.69 20.16 -15.01
C ALA A 95 0.17 19.06 -14.41
N VAL A 96 0.83 19.36 -13.30
CA VAL A 96 1.81 18.46 -12.71
C VAL A 96 1.66 18.41 -11.20
N PHE A 97 1.47 17.21 -10.67
CA PHE A 97 1.21 17.02 -9.24
C PHE A 97 2.26 16.13 -8.61
N PRO A 98 3.23 16.72 -7.91
CA PRO A 98 4.30 15.85 -7.40
C PRO A 98 3.99 15.29 -6.00
N ILE A 99 4.27 14.01 -5.85
CA ILE A 99 4.19 13.30 -4.57
C ILE A 99 5.59 12.88 -4.19
N PHE A 100 6.01 13.28 -3.01
CA PHE A 100 7.32 12.92 -2.53
C PHE A 100 7.11 11.77 -1.57
N TYR A 101 7.27 10.55 -2.08
CA TYR A 101 6.93 9.34 -1.36
C TYR A 101 8.08 8.83 -0.51
N HIS A 102 8.04 9.18 0.77
CA HIS A 102 9.05 8.78 1.75
C HIS A 102 10.43 9.23 1.32
N VAL A 103 10.49 10.35 0.62
CA VAL A 103 11.76 10.98 0.26
C VAL A 103 11.66 12.46 0.51
N ASP A 104 12.78 13.07 0.86
CA ASP A 104 12.83 14.50 1.16
C ASP A 104 12.67 15.30 -0.13
N PRO A 105 11.64 16.18 -0.19
CA PRO A 105 11.44 17.02 -1.37
C PRO A 105 12.72 17.76 -1.78
N SER A 106 13.53 18.19 -0.82
CA SER A 106 14.74 18.95 -1.15
C SER A 106 15.83 18.05 -1.74
N HIS A 107 15.82 16.76 -1.39
CA HIS A 107 16.73 15.80 -2.02
C HIS A 107 16.44 15.72 -3.51
N VAL A 108 15.16 15.75 -3.86
CA VAL A 108 14.79 15.75 -5.27
C VAL A 108 15.18 17.06 -5.91
N ARG A 109 14.84 18.15 -5.25
CA ARG A 109 15.05 19.48 -5.79
C ARG A 109 16.53 19.73 -6.03
N LYS A 110 17.35 19.24 -5.12
CA LYS A 110 18.78 19.52 -5.15
C LYS A 110 19.60 18.31 -5.55
N GLN A 111 18.95 17.18 -5.79
CA GLN A 111 19.65 15.93 -6.11
C GLN A 111 20.64 15.56 -5.03
N GLU A 112 20.17 15.51 -3.79
CA GLU A 112 20.96 15.02 -2.67
C GLU A 112 20.46 13.64 -2.27
N GLY A 113 21.09 13.06 -1.26
CA GLY A 113 20.78 11.70 -0.85
C GLY A 113 20.77 10.71 -2.00
N SER A 114 19.78 9.83 -2.00
CA SER A 114 19.70 8.78 -3.01
C SER A 114 19.71 9.41 -4.40
N PHE A 115 19.07 10.56 -4.56
CA PHE A 115 19.01 11.21 -5.86
C PHE A 115 20.37 11.71 -6.35
N GLY A 116 21.21 12.13 -5.41
CA GLY A 116 22.56 12.51 -5.76
C GLY A 116 23.37 11.32 -6.23
N GLU A 117 23.15 10.17 -5.58
CA GLU A 117 23.89 8.95 -5.91
C GLU A 117 23.59 8.51 -7.33
N ALA A 118 22.35 8.70 -7.74
CA ALA A 118 21.92 8.37 -9.10
C ALA A 118 22.81 9.07 -10.11
N PHE A 119 22.88 10.38 -9.98
CA PHE A 119 23.66 11.20 -10.89
C PHE A 119 25.14 10.89 -10.92
N ALA A 120 25.68 10.42 -9.80
CA ALA A 120 27.08 10.01 -9.78
C ALA A 120 27.31 8.97 -10.87
N GLY A 121 26.41 8.00 -10.95
CA GLY A 121 26.51 6.93 -11.93
C GLY A 121 26.31 7.38 -13.37
N TYR A 122 25.64 8.51 -13.55
CA TYR A 122 25.38 9.01 -14.90
C TYR A 122 26.58 9.75 -15.49
N GLU A 123 27.50 10.15 -14.62
CA GLU A 123 28.63 11.02 -14.98
C GLU A 123 29.45 10.51 -16.17
N GLU A 124 29.67 9.21 -16.23
CA GLU A 124 30.64 8.68 -17.19
C GLU A 124 30.05 8.35 -18.55
N ASN A 125 28.77 7.99 -18.62
CA ASN A 125 28.20 7.57 -19.90
C ASN A 125 26.97 8.34 -20.34
N TRP A 126 26.48 9.23 -19.48
CA TRP A 126 25.24 9.97 -19.76
C TRP A 126 25.37 11.43 -19.35
N LYS A 127 26.61 11.91 -19.39
CA LYS A 127 26.97 13.24 -18.91
C LYS A 127 26.19 14.36 -19.60
N ASP A 128 25.93 14.17 -20.88
CA ASP A 128 25.29 15.22 -21.68
C ASP A 128 23.80 15.40 -21.40
N LYS A 129 23.16 14.37 -20.87
CA LYS A 129 21.73 14.45 -20.57
C LYS A 129 21.46 14.99 -19.17
N ILE A 130 22.48 14.94 -18.31
CA ILE A 130 22.36 15.34 -16.90
C ILE A 130 21.75 16.73 -16.63
N PRO A 131 22.16 17.75 -17.37
CA PRO A 131 21.61 19.11 -17.20
C PRO A 131 20.07 19.21 -17.29
N ARG A 132 19.46 18.72 -18.37
CA ARG A 132 18.01 18.79 -18.52
C ARG A 132 17.29 17.89 -17.50
N TRP A 133 17.99 16.84 -17.06
CA TRP A 133 17.50 15.95 -16.04
C TRP A 133 17.44 16.69 -14.71
N ARG A 134 18.56 17.35 -14.38
CA ARG A 134 18.66 18.12 -13.14
C ARG A 134 17.62 19.24 -13.14
N THR A 135 17.42 19.84 -14.30
CA THR A 135 16.46 20.92 -14.43
C THR A 135 15.04 20.40 -14.20
N ALA A 136 14.72 19.27 -14.80
CA ALA A 136 13.37 18.71 -14.70
C ALA A 136 13.02 18.28 -13.25
N LEU A 137 13.99 17.71 -12.56
CA LEU A 137 13.81 17.35 -11.14
C LEU A 137 13.57 18.60 -10.31
N THR A 138 14.45 19.58 -10.48
CA THR A 138 14.41 20.81 -9.70
C THR A 138 13.11 21.58 -9.90
N GLU A 139 12.68 21.71 -11.16
CA GLU A 139 11.41 22.36 -11.46
C GLU A 139 10.21 21.59 -10.88
N ALA A 140 10.19 20.28 -11.13
CA ALA A 140 9.08 19.45 -10.68
C ALA A 140 8.91 19.52 -9.16
N ALA A 141 10.02 19.56 -8.43
CA ALA A 141 9.98 19.52 -6.97
C ALA A 141 9.56 20.87 -6.36
N ASN A 142 9.54 21.91 -7.18
CA ASN A 142 9.09 23.22 -6.71
C ASN A 142 7.63 23.46 -6.98
N LEU A 143 6.98 22.49 -7.61
CA LEU A 143 5.54 22.54 -7.78
C LEU A 143 4.94 22.13 -6.45
N SER A 144 3.79 22.69 -6.10
CA SER A 144 3.19 22.35 -4.81
C SER A 144 2.67 20.92 -4.86
N GLY A 145 3.09 20.10 -3.91
CA GLY A 145 2.62 18.74 -3.88
C GLY A 145 2.37 18.22 -2.48
N TRP A 146 2.63 16.94 -2.29
CA TRP A 146 2.46 16.31 -1.00
C TRP A 146 3.73 15.57 -0.62
N HIS A 147 4.25 15.87 0.56
CA HIS A 147 5.33 15.10 1.14
C HIS A 147 4.73 14.02 2.07
N LEU A 148 4.91 12.75 1.73
CA LEU A 148 4.32 11.66 2.49
C LEU A 148 5.38 10.95 3.31
N LEU A 149 5.11 10.83 4.60
CA LEU A 149 5.96 10.07 5.50
C LEU A 149 5.32 8.73 5.80
N ASP A 150 6.09 7.87 6.43
CA ASP A 150 5.51 6.63 6.93
C ASP A 150 5.03 6.94 8.34
N ASP A 151 4.44 5.96 9.01
CA ASP A 151 3.89 6.23 10.34
C ASP A 151 2.61 7.05 10.21
N ARG A 152 2.03 7.04 9.01
CA ARG A 152 0.79 7.76 8.75
C ARG A 152 -0.11 6.79 7.95
N TYR A 153 -1.42 6.88 8.13
CA TYR A 153 -2.31 5.95 7.44
C TYR A 153 -2.33 6.23 5.94
N GLU A 154 -1.85 5.27 5.16
CA GLU A 154 -1.58 5.52 3.75
C GLU A 154 -2.85 5.71 2.92
N SER A 155 -3.94 5.02 3.26
CA SER A 155 -5.16 5.21 2.49
C SER A 155 -5.71 6.63 2.66
N ASN A 156 -5.44 7.24 3.81
CA ASN A 156 -5.89 8.60 4.04
C ASN A 156 -5.03 9.60 3.31
N GLN A 157 -3.74 9.33 3.26
CA GLN A 157 -2.81 10.08 2.44
C GLN A 157 -3.29 10.08 1.01
N ILE A 158 -3.68 8.90 0.54
CA ILE A 158 -4.15 8.74 -0.84
C ILE A 158 -5.50 9.41 -1.08
N LYS A 159 -6.42 9.29 -0.14
CA LYS A 159 -7.72 9.93 -0.28
C LYS A 159 -7.55 11.44 -0.38
N GLU A 160 -6.64 11.98 0.42
CA GLU A 160 -6.40 13.40 0.44
C GLU A 160 -5.83 13.88 -0.91
N ILE A 161 -4.84 13.17 -1.43
CA ILE A 161 -4.23 13.48 -2.71
C ILE A 161 -5.23 13.41 -3.87
N THR A 162 -6.00 12.35 -3.91
CA THR A 162 -6.87 12.18 -5.05
C THR A 162 -8.07 13.13 -4.98
N ASN A 163 -8.45 13.55 -3.77
CA ASN A 163 -9.52 14.53 -3.61
C ASN A 163 -9.11 15.89 -4.14
N SER A 164 -7.90 16.29 -3.77
CA SER A 164 -7.32 17.52 -4.26
C SER A 164 -7.13 17.51 -5.79
N ILE A 165 -6.63 16.39 -6.32
CA ILE A 165 -6.43 16.27 -7.77
C ILE A 165 -7.78 16.32 -8.50
N PHE A 166 -8.78 15.68 -7.92
CA PHE A 166 -10.11 15.77 -8.51
C PHE A 166 -10.63 17.21 -8.57
N ARG A 167 -10.59 17.93 -7.44
CA ARG A 167 -11.04 19.32 -7.40
C ARG A 167 -10.25 20.17 -8.41
N GLN A 168 -8.94 19.97 -8.48
CA GLN A 168 -8.11 20.80 -9.35
C GLN A 168 -8.38 20.50 -10.83
N LEU A 169 -8.58 19.24 -11.18
CA LEU A 169 -8.80 18.90 -12.58
C LEU A 169 -10.21 19.26 -12.99
N LYS A 170 -11.12 19.29 -12.04
CA LYS A 170 -12.47 19.60 -12.41
C LYS A 170 -12.56 21.12 -12.56
N CYS A 171 -11.78 21.86 -11.79
CA CYS A 171 -11.87 23.30 -11.88
C CYS A 171 -11.15 23.75 -13.15
N LYS A 172 -10.05 23.09 -13.50
CA LYS A 172 -9.39 23.44 -14.76
C LYS A 172 -10.35 23.28 -15.92
N ARG A 173 -11.01 22.13 -15.98
CA ARG A 173 -11.95 21.83 -17.06
C ARG A 173 -13.12 22.80 -17.12
N LEU A 174 -13.65 23.21 -15.97
CA LEU A 174 -14.81 24.08 -15.97
C LEU A 174 -14.46 25.52 -16.37
N ASP A 175 -13.22 25.93 -16.14
CA ASP A 175 -12.81 27.29 -16.48
C ASP A 175 -12.62 27.41 -18.00
N VAL A 176 -12.24 26.30 -18.63
CA VAL A 176 -12.19 26.24 -20.09
C VAL A 176 -13.57 25.98 -20.68
N THR B 6 -24.94 -8.27 16.80
CA THR B 6 -23.54 -7.94 16.54
C THR B 6 -23.37 -6.50 16.07
N THR B 7 -22.14 -6.00 16.14
CA THR B 7 -21.82 -4.60 15.84
C THR B 7 -21.03 -4.42 14.55
N TYR B 8 -20.10 -5.32 14.29
CA TYR B 8 -19.28 -5.18 13.11
C TYR B 8 -19.44 -6.39 12.22
N ASP B 9 -19.25 -6.19 10.93
CA ASP B 9 -19.21 -7.31 10.00
C ASP B 9 -17.86 -7.99 10.11
N VAL B 10 -16.80 -7.21 10.28
CA VAL B 10 -15.43 -7.76 10.32
C VAL B 10 -14.58 -7.18 11.44
N PHE B 11 -13.89 -8.06 12.16
CA PHE B 11 -12.83 -7.66 13.07
C PHE B 11 -11.48 -7.88 12.40
N LEU B 12 -10.70 -6.81 12.30
CA LEU B 12 -9.39 -6.87 11.67
C LEU B 12 -8.32 -7.21 12.68
N SER B 13 -7.77 -8.42 12.62
CA SER B 13 -6.64 -8.76 13.48
C SER B 13 -5.32 -8.70 12.69
N PHE B 14 -4.36 -7.93 13.19
CA PHE B 14 -3.13 -7.68 12.43
C PHE B 14 -1.97 -7.35 13.35
N ARG B 15 -0.74 -7.43 12.83
CA ARG B 15 0.41 -6.93 13.57
C ARG B 15 0.76 -5.50 13.13
N GLY B 16 0.50 -4.54 14.02
CA GLY B 16 0.63 -3.13 13.74
C GLY B 16 2.02 -2.80 13.22
N GLU B 17 3.04 -3.32 13.90
CA GLU B 17 4.42 -3.10 13.49
C GLU B 17 4.68 -3.50 12.02
N ASP B 18 3.98 -4.54 11.51
CA ASP B 18 4.18 -4.98 10.13
C ASP B 18 3.32 -4.19 9.13
N THR B 19 2.03 -4.04 9.40
CA THR B 19 1.08 -3.63 8.37
C THR B 19 0.06 -2.57 8.75
N ARG B 20 0.19 -1.94 9.92
CA ARG B 20 -0.85 -0.98 10.34
C ARG B 20 -1.07 0.14 9.34
N TYR B 21 -0.01 0.80 8.90
CA TYR B 21 -0.17 2.03 8.13
C TYR B 21 -0.28 1.80 6.62
N ASN B 22 0.03 0.60 6.13
CA ASN B 22 -0.03 0.35 4.68
C ASN B 22 -1.06 -0.74 4.36
N PHE B 23 -0.64 -2.00 4.23
CA PHE B 23 -1.55 -3.03 3.71
C PHE B 23 -2.87 -3.12 4.45
N THR B 24 -2.80 -3.27 5.76
CA THR B 24 -4.02 -3.44 6.52
C THR B 24 -4.89 -2.18 6.44
N ASP B 25 -4.28 -1.00 6.38
CA ASP B 25 -5.08 0.21 6.21
C ASP B 25 -5.81 0.23 4.84
N HIS B 26 -5.12 -0.15 3.78
CA HIS B 26 -5.76 -0.21 2.47
C HIS B 26 -6.89 -1.25 2.47
N LEU B 27 -6.65 -2.35 3.16
CA LEU B 27 -7.67 -3.41 3.32
C LEU B 27 -8.87 -2.90 4.10
N TYR B 28 -8.59 -2.26 5.24
CA TYR B 28 -9.62 -1.67 6.07
C TYR B 28 -10.51 -0.74 5.25
N SER B 29 -9.88 0.14 4.51
CA SER B 29 -10.60 1.13 3.74
C SER B 29 -11.40 0.45 2.60
N ALA B 30 -10.81 -0.57 1.98
CA ALA B 30 -11.51 -1.28 0.91
C ALA B 30 -12.76 -1.94 1.47
N LEU B 31 -12.67 -2.52 2.66
CA LEU B 31 -13.84 -3.16 3.25
C LEU B 31 -14.98 -2.16 3.43
N GLY B 32 -14.67 -1.01 4.03
CA GLY B 32 -15.68 0.01 4.25
C GLY B 32 -16.35 0.50 2.99
N ARG B 33 -15.57 0.70 1.93
CA ARG B 33 -16.14 1.16 0.67
C ARG B 33 -17.23 0.18 0.21
N ARG B 34 -17.10 -1.08 0.62
CA ARG B 34 -18.05 -2.11 0.20
C ARG B 34 -19.19 -2.30 1.18
N GLY B 35 -19.30 -1.43 2.17
CA GLY B 35 -20.37 -1.50 3.15
C GLY B 35 -20.19 -2.61 4.17
N ILE B 36 -18.97 -3.11 4.27
CA ILE B 36 -18.57 -4.09 5.27
C ILE B 36 -18.03 -3.36 6.50
N ARG B 37 -18.85 -3.29 7.55
CA ARG B 37 -18.47 -2.59 8.79
C ARG B 37 -17.32 -3.29 9.50
N THR B 38 -16.22 -2.57 9.65
CA THR B 38 -14.97 -3.17 10.09
C THR B 38 -14.40 -2.52 11.34
N PHE B 39 -14.01 -3.33 12.31
CA PHE B 39 -13.30 -2.81 13.47
C PHE B 39 -11.80 -2.95 13.26
N ARG B 40 -11.12 -1.81 13.25
CA ARG B 40 -9.67 -1.77 13.13
C ARG B 40 -9.13 -0.93 14.25
N ASP B 41 -8.46 -1.60 15.20
CA ASP B 41 -8.00 -0.97 16.44
C ASP B 41 -6.94 0.10 16.16
N ASP B 42 -7.17 1.32 16.63
CA ASP B 42 -6.18 2.39 16.47
C ASP B 42 -5.90 3.13 17.79
N ARG B 43 -6.28 2.53 18.91
CA ARG B 43 -6.08 3.16 20.22
C ARG B 43 -4.72 2.85 20.81
N LEU B 44 -4.22 3.78 21.63
CA LEU B 44 -3.03 3.53 22.42
C LEU B 44 -3.42 2.58 23.53
N ARG B 45 -2.64 1.51 23.71
CA ARG B 45 -2.97 0.50 24.72
C ARG B 45 -1.70 0.06 25.45
N ARG B 46 -1.81 -0.24 26.75
CA ARG B 46 -0.68 -0.78 27.48
C ARG B 46 -1.15 -1.85 28.45
N GLY B 47 -0.22 -2.41 29.21
CA GLY B 47 -0.55 -3.50 30.11
C GLY B 47 -0.28 -4.84 29.46
N GLU B 48 0.06 -5.81 30.29
CA GLU B 48 0.52 -7.11 29.84
C GLU B 48 -0.63 -7.90 29.20
N ALA B 49 -1.83 -7.76 29.76
CA ALA B 49 -2.97 -8.52 29.29
C ALA B 49 -3.72 -7.76 28.21
N ILE B 50 -4.27 -8.51 27.24
CA ILE B 50 -5.00 -7.90 26.14
C ILE B 50 -6.23 -7.13 26.67
N ALA B 51 -6.55 -6.02 26.03
CA ALA B 51 -7.65 -5.15 26.43
C ALA B 51 -9.00 -5.83 26.29
N PRO B 52 -9.85 -5.74 27.32
CA PRO B 52 -11.18 -6.34 27.29
C PRO B 52 -12.02 -5.80 26.15
N GLU B 53 -11.87 -4.51 25.84
CA GLU B 53 -12.61 -3.91 24.73
C GLU B 53 -12.38 -4.67 23.41
N LEU B 54 -11.17 -5.22 23.26
CA LEU B 54 -10.84 -5.93 22.02
C LEU B 54 -11.53 -7.31 21.97
N LEU B 55 -11.54 -7.99 23.12
CA LEU B 55 -12.20 -9.28 23.24
C LEU B 55 -13.69 -9.13 22.99
N LYS B 56 -14.27 -8.06 23.51
CA LYS B 56 -15.67 -7.78 23.25
C LYS B 56 -15.93 -7.50 21.76
N ALA B 57 -15.07 -6.70 21.13
CA ALA B 57 -15.26 -6.33 19.72
C ALA B 57 -15.27 -7.57 18.83
N ILE B 58 -14.39 -8.52 19.13
CA ILE B 58 -14.40 -9.81 18.45
C ILE B 58 -15.77 -10.49 18.59
N GLU B 59 -16.31 -10.52 19.79
CA GLU B 59 -17.58 -11.19 20.04
C GLU B 59 -18.73 -10.51 19.30
N GLU B 60 -18.58 -9.22 19.05
CA GLU B 60 -19.67 -8.46 18.42
C GLU B 60 -19.46 -8.33 16.93
N SER B 61 -18.50 -9.08 16.40
CA SER B 61 -18.21 -9.08 14.97
C SER B 61 -18.70 -10.38 14.37
N ARG B 62 -19.27 -10.31 13.17
CA ARG B 62 -19.74 -11.49 12.47
C ARG B 62 -18.58 -12.35 11.99
N SER B 63 -17.42 -11.73 11.80
CA SER B 63 -16.23 -12.45 11.37
C SER B 63 -14.96 -11.70 11.71
N SER B 64 -13.83 -12.39 11.55
CA SER B 64 -12.51 -11.79 11.64
C SER B 64 -11.70 -11.99 10.35
N VAL B 65 -10.92 -10.98 10.00
CA VAL B 65 -9.92 -11.12 8.97
C VAL B 65 -8.56 -11.08 9.66
N ILE B 66 -7.75 -12.12 9.45
CA ILE B 66 -6.42 -12.15 10.07
C ILE B 66 -5.33 -11.83 9.05
N VAL B 67 -4.61 -10.74 9.28
CA VAL B 67 -3.46 -10.39 8.47
C VAL B 67 -2.18 -10.98 9.07
N PHE B 68 -1.92 -12.24 8.74
CA PHE B 68 -0.70 -12.90 9.17
C PHE B 68 0.50 -12.25 8.47
N SER B 69 1.42 -11.74 9.26
CA SER B 69 2.60 -11.11 8.69
C SER B 69 3.79 -11.64 9.45
N GLU B 70 4.99 -11.28 8.99
CA GLU B 70 6.21 -11.86 9.50
C GLU B 70 6.30 -11.95 11.05
N ASN B 71 5.83 -10.92 11.75
CA ASN B 71 6.04 -10.82 13.20
C ASN B 71 4.76 -10.86 14.01
N TYR B 72 3.70 -11.34 13.38
CA TYR B 72 2.42 -11.48 14.01
C TYR B 72 2.52 -12.30 15.31
N ALA B 73 3.20 -13.44 15.27
CA ALA B 73 3.27 -14.27 16.47
C ALA B 73 4.20 -13.66 17.51
N HIS B 74 4.95 -12.62 17.12
CA HIS B 74 5.86 -11.98 18.06
C HIS B 74 5.11 -11.03 18.99
N SER B 75 3.80 -10.98 18.81
CA SER B 75 2.94 -10.17 19.64
C SER B 75 1.97 -11.05 20.41
N ARG B 76 2.07 -11.01 21.74
CA ARG B 76 1.21 -11.80 22.62
C ARG B 76 -0.24 -11.37 22.47
N TRP B 77 -0.47 -10.06 22.29
CA TRP B 77 -1.81 -9.55 22.11
C TRP B 77 -2.44 -10.15 20.85
N CYS B 78 -1.68 -10.17 19.76
CA CYS B 78 -2.14 -10.79 18.52
C CYS B 78 -2.54 -12.24 18.72
N LEU B 79 -1.71 -12.99 19.45
CA LEU B 79 -1.98 -14.40 19.67
C LEU B 79 -3.23 -14.58 20.51
N ASP B 80 -3.37 -13.79 21.57
CA ASP B 80 -4.51 -13.90 22.47
C ASP B 80 -5.77 -13.58 21.69
N GLU B 81 -5.62 -12.61 20.81
CA GLU B 81 -6.67 -12.20 19.92
C GLU B 81 -7.20 -13.39 19.12
N LEU B 82 -6.27 -14.13 18.54
CA LEU B 82 -6.53 -15.26 17.68
C LEU B 82 -7.20 -16.42 18.45
N VAL B 83 -6.78 -16.60 19.70
CA VAL B 83 -7.38 -17.62 20.53
C VAL B 83 -8.84 -17.28 20.72
N LYS B 84 -9.11 -16.03 21.07
CA LYS B 84 -10.49 -15.56 21.21
C LYS B 84 -11.28 -15.69 19.91
N ILE B 85 -10.66 -15.32 18.79
CA ILE B 85 -11.33 -15.38 17.50
C ILE B 85 -11.73 -16.82 17.19
N MET B 86 -10.83 -17.76 17.45
CA MET B 86 -11.13 -19.16 17.17
C MET B 86 -12.18 -19.71 18.13
N GLU B 87 -12.24 -19.20 19.36
CA GLU B 87 -13.29 -19.64 20.28
C GLU B 87 -14.64 -19.30 19.66
N CYS B 88 -14.72 -18.09 19.10
CA CYS B 88 -15.96 -17.60 18.53
C CYS B 88 -16.31 -18.38 17.28
N GLN B 89 -15.29 -18.98 16.70
CA GLN B 89 -15.43 -19.79 15.51
C GLN B 89 -16.06 -21.13 15.86
N LYS B 90 -15.57 -21.75 16.94
CA LYS B 90 -16.15 -22.98 17.44
C LYS B 90 -17.55 -22.75 18.01
N ASP B 91 -17.66 -21.83 18.95
CA ASP B 91 -18.88 -21.66 19.75
C ASP B 91 -19.97 -20.77 19.14
N LEU B 92 -19.58 -19.65 18.57
CA LEU B 92 -20.55 -18.81 17.88
C LEU B 92 -20.54 -19.14 16.40
N GLY B 93 -21.17 -18.30 15.59
CA GLY B 93 -21.18 -18.56 14.17
C GLY B 93 -20.11 -17.74 13.47
N HIS B 94 -19.01 -17.49 14.18
CA HIS B 94 -17.98 -16.53 13.75
C HIS B 94 -17.13 -17.01 12.56
N ALA B 95 -17.18 -16.28 11.44
CA ALA B 95 -16.41 -16.66 10.27
C ALA B 95 -14.98 -16.10 10.34
N VAL B 96 -14.04 -16.82 9.74
CA VAL B 96 -12.63 -16.49 9.88
C VAL B 96 -11.95 -16.58 8.55
N PHE B 97 -11.32 -15.48 8.14
CA PHE B 97 -10.68 -15.36 6.84
C PHE B 97 -9.21 -15.01 6.98
N PRO B 98 -8.33 -16.00 6.82
CA PRO B 98 -6.91 -15.72 7.05
C PRO B 98 -6.21 -15.21 5.79
N ILE B 99 -5.39 -14.18 5.93
CA ILE B 99 -4.55 -13.67 4.86
C ILE B 99 -3.10 -13.92 5.18
N PHE B 100 -2.38 -14.58 4.28
CA PHE B 100 -0.97 -14.82 4.54
C PHE B 100 -0.19 -13.78 3.75
N TYR B 101 0.16 -12.71 4.46
CA TYR B 101 0.74 -11.53 3.81
C TYR B 101 2.25 -11.64 3.73
N HIS B 102 2.72 -12.13 2.58
CA HIS B 102 4.15 -12.31 2.29
C HIS B 102 4.78 -13.26 3.31
N VAL B 103 4.00 -14.23 3.77
CA VAL B 103 4.53 -15.29 4.61
C VAL B 103 4.01 -16.63 4.15
N ASP B 104 4.82 -17.67 4.30
CA ASP B 104 4.42 -19.00 3.86
C ASP B 104 3.35 -19.52 4.79
N PRO B 105 2.17 -19.84 4.24
CA PRO B 105 1.08 -20.38 5.06
C PRO B 105 1.54 -21.57 5.91
N SER B 106 2.44 -22.40 5.40
CA SER B 106 2.87 -23.57 6.16
C SER B 106 3.75 -23.16 7.35
N HIS B 107 4.46 -22.05 7.24
CA HIS B 107 5.22 -21.52 8.37
C HIS B 107 4.28 -21.13 9.50
N VAL B 108 3.12 -20.59 9.17
CA VAL B 108 2.14 -20.29 10.22
C VAL B 108 1.58 -21.59 10.81
N ARG B 109 1.24 -22.55 9.94
CA ARG B 109 0.66 -23.83 10.40
C ARG B 109 1.60 -24.60 11.31
N LYS B 110 2.90 -24.53 11.01
CA LYS B 110 3.88 -25.35 11.70
C LYS B 110 4.73 -24.52 12.63
N GLN B 111 4.49 -23.20 12.65
CA GLN B 111 5.30 -22.31 13.47
C GLN B 111 6.77 -22.50 13.13
N GLU B 112 7.08 -22.43 11.84
CA GLU B 112 8.46 -22.42 11.40
C GLU B 112 8.81 -21.00 10.94
N GLY B 113 10.04 -20.79 10.50
CA GLY B 113 10.53 -19.46 10.19
C GLY B 113 10.31 -18.46 11.30
N SER B 114 9.90 -17.25 10.94
CA SER B 114 9.73 -16.17 11.91
C SER B 114 8.78 -16.58 13.04
N PHE B 115 7.74 -17.33 12.70
CA PHE B 115 6.77 -17.78 13.69
C PHE B 115 7.40 -18.76 14.68
N GLY B 116 8.36 -19.55 14.19
CA GLY B 116 9.09 -20.43 15.07
C GLY B 116 9.98 -19.65 16.02
N GLU B 117 10.61 -18.59 15.53
CA GLU B 117 11.50 -17.77 16.35
C GLU B 117 10.69 -17.11 17.46
N ALA B 118 9.47 -16.73 17.13
CA ALA B 118 8.55 -16.14 18.08
C ALA B 118 8.33 -17.06 19.28
N PHE B 119 7.83 -18.26 19.03
CA PHE B 119 7.56 -19.23 20.10
C PHE B 119 8.80 -19.63 20.87
N ALA B 120 9.95 -19.61 20.20
CA ALA B 120 11.21 -19.87 20.87
C ALA B 120 11.36 -18.88 22.03
N GLY B 121 11.04 -17.62 21.76
CA GLY B 121 11.16 -16.57 22.76
C GLY B 121 10.16 -16.71 23.91
N TYR B 122 9.08 -17.44 23.65
CA TYR B 122 8.03 -17.64 24.65
C TYR B 122 8.31 -18.74 25.67
N GLU B 123 9.29 -19.60 25.38
CA GLU B 123 9.53 -20.78 26.19
C GLU B 123 9.70 -20.50 27.69
N GLU B 124 10.40 -19.42 28.04
CA GLU B 124 10.81 -19.25 29.42
C GLU B 124 9.80 -18.52 30.30
N ASN B 125 8.98 -17.66 29.72
CA ASN B 125 8.09 -16.84 30.56
C ASN B 125 6.62 -16.98 30.25
N TRP B 126 6.29 -17.70 29.19
CA TRP B 126 4.91 -17.78 28.74
C TRP B 126 4.53 -19.18 28.31
N LYS B 127 5.24 -20.15 28.88
CA LYS B 127 5.15 -21.54 28.45
C LYS B 127 3.73 -22.12 28.52
N ASP B 128 2.96 -21.71 29.52
CA ASP B 128 1.63 -22.26 29.74
C ASP B 128 0.58 -21.77 28.75
N LYS B 129 0.83 -20.62 28.12
CA LYS B 129 -0.12 -20.09 27.14
C LYS B 129 0.17 -20.60 25.72
N ILE B 130 1.39 -21.07 25.52
CA ILE B 130 1.86 -21.56 24.23
C ILE B 130 0.94 -22.59 23.55
N PRO B 131 0.47 -23.59 24.32
CA PRO B 131 -0.42 -24.61 23.76
C PRO B 131 -1.68 -24.02 23.10
N ARG B 132 -2.43 -23.19 23.83
CA ARG B 132 -3.63 -22.61 23.25
C ARG B 132 -3.27 -21.69 22.07
N TRP B 133 -2.07 -21.11 22.13
CA TRP B 133 -1.60 -20.21 21.07
C TRP B 133 -1.31 -20.97 19.78
N ARG B 134 -0.53 -22.04 19.87
CA ARG B 134 -0.20 -22.87 18.71
C ARG B 134 -1.43 -23.49 18.09
N THR B 135 -2.35 -23.91 18.95
CA THR B 135 -3.56 -24.55 18.47
C THR B 135 -4.40 -23.56 17.68
N ALA B 136 -4.54 -22.35 18.21
CA ALA B 136 -5.34 -21.32 17.54
C ALA B 136 -4.66 -20.91 16.23
N LEU B 137 -3.33 -20.82 16.27
CA LEU B 137 -2.53 -20.49 15.11
C LEU B 137 -2.70 -21.54 14.02
N THR B 138 -2.52 -22.80 14.40
CA THR B 138 -2.63 -23.93 13.48
C THR B 138 -4.04 -24.07 12.92
N GLU B 139 -5.05 -23.91 13.77
CA GLU B 139 -6.43 -23.99 13.31
C GLU B 139 -6.75 -22.90 12.28
N ALA B 140 -6.41 -21.65 12.59
CA ALA B 140 -6.72 -20.55 11.69
C ALA B 140 -6.04 -20.76 10.35
N ALA B 141 -4.81 -21.26 10.39
CA ALA B 141 -4.01 -21.38 9.17
C ALA B 141 -4.44 -22.55 8.29
N ASN B 142 -5.29 -23.41 8.81
CA ASN B 142 -5.79 -24.51 8.00
C ASN B 142 -7.13 -24.17 7.36
N LEU B 143 -7.60 -22.95 7.61
CA LEU B 143 -8.76 -22.42 6.92
C LEU B 143 -8.39 -21.87 5.55
N SER B 144 -9.33 -21.92 4.61
CA SER B 144 -9.06 -21.39 3.30
C SER B 144 -8.98 -19.86 3.38
N GLY B 145 -7.87 -19.32 2.90
CA GLY B 145 -7.66 -17.89 2.90
C GLY B 145 -6.95 -17.48 1.65
N TRP B 146 -6.11 -16.46 1.74
CA TRP B 146 -5.37 -16.01 0.56
C TRP B 146 -3.89 -15.91 0.90
N HIS B 147 -3.07 -16.52 0.06
CA HIS B 147 -1.65 -16.35 0.16
C HIS B 147 -1.22 -15.22 -0.77
N LEU B 148 -0.74 -14.13 -0.20
CA LEU B 148 -0.39 -12.97 -1.01
C LEU B 148 1.10 -12.86 -1.15
N LEU B 149 1.57 -12.72 -2.38
CA LEU B 149 2.98 -12.49 -2.67
C LEU B 149 3.20 -11.01 -2.95
N ASP B 150 4.47 -10.59 -3.01
CA ASP B 150 4.81 -9.21 -3.37
C ASP B 150 5.14 -9.05 -4.85
N ASP B 151 4.69 -9.98 -5.67
CA ASP B 151 4.99 -9.93 -7.09
C ASP B 151 3.76 -9.51 -7.86
N ARG B 152 2.75 -9.03 -7.15
CA ARG B 152 1.46 -8.79 -7.76
C ARG B 152 0.83 -7.49 -7.33
N TYR B 153 -0.04 -6.95 -8.17
CA TYR B 153 -0.67 -5.66 -7.90
C TYR B 153 -1.56 -5.75 -6.64
N GLU B 154 -1.19 -5.01 -5.63
CA GLU B 154 -1.77 -5.18 -4.31
C GLU B 154 -3.26 -4.76 -4.25
N SER B 155 -3.65 -3.73 -4.99
CA SER B 155 -5.06 -3.34 -4.99
C SER B 155 -5.93 -4.43 -5.62
N ASN B 156 -5.37 -5.22 -6.54
CA ASN B 156 -6.13 -6.33 -7.11
C ASN B 156 -6.23 -7.47 -6.13
N GLN B 157 -5.16 -7.72 -5.41
CA GLN B 157 -5.23 -8.68 -4.31
C GLN B 157 -6.32 -8.29 -3.31
N ILE B 158 -6.38 -7.01 -2.97
CA ILE B 158 -7.34 -6.58 -1.96
C ILE B 158 -8.78 -6.67 -2.47
N LYS B 159 -8.97 -6.30 -3.74
CA LYS B 159 -10.28 -6.37 -4.36
C LYS B 159 -10.81 -7.80 -4.35
N GLU B 160 -9.91 -8.75 -4.61
CA GLU B 160 -10.28 -10.16 -4.65
C GLU B 160 -10.71 -10.60 -3.25
N ILE B 161 -9.91 -10.22 -2.27
CA ILE B 161 -10.23 -10.55 -0.88
C ILE B 161 -11.55 -9.93 -0.42
N THR B 162 -11.74 -8.64 -0.70
CA THR B 162 -12.93 -7.95 -0.20
C THR B 162 -14.22 -8.36 -0.94
N ASN B 163 -14.09 -8.79 -2.18
CA ASN B 163 -15.24 -9.31 -2.93
C ASN B 163 -15.72 -10.66 -2.42
N SER B 164 -14.77 -11.53 -2.15
CA SER B 164 -15.05 -12.83 -1.56
C SER B 164 -15.70 -12.68 -0.18
N ILE B 165 -15.21 -11.74 0.63
CA ILE B 165 -15.82 -11.49 1.94
C ILE B 165 -17.21 -10.87 1.75
N PHE B 166 -17.34 -9.96 0.78
CA PHE B 166 -18.65 -9.38 0.49
C PHE B 166 -19.66 -10.51 0.14
N ARG B 167 -19.26 -11.42 -0.76
CA ARG B 167 -20.12 -12.52 -1.17
C ARG B 167 -20.58 -13.37 0.01
N GLN B 168 -19.67 -13.66 0.92
CA GLN B 168 -19.96 -14.53 2.06
C GLN B 168 -20.80 -13.86 3.14
N LEU B 169 -20.54 -12.58 3.42
CA LEU B 169 -21.25 -11.80 4.43
C LEU B 169 -22.47 -10.96 3.99
N LYS B 170 -22.48 -10.50 2.75
CA LYS B 170 -23.55 -9.60 2.29
C LYS B 170 -24.65 -10.20 1.44
N CYS B 171 -24.33 -11.26 0.72
CA CYS B 171 -25.24 -11.84 -0.24
C CYS B 171 -26.22 -12.89 0.29
N LYS B 172 -27.13 -12.52 1.18
CA LYS B 172 -28.05 -13.49 1.74
C LYS B 172 -29.45 -12.93 2.07
C1 MLA C . 9.33 -1.48 -13.33
O1A MLA C . 8.69 -0.60 -13.96
O1B MLA C . 8.79 -2.12 -12.38
C2 MLA C . 10.77 -1.72 -13.74
C3 MLA C . 11.52 -0.44 -13.44
O3A MLA C . 11.79 -0.19 -12.24
O3B MLA C . 11.83 0.37 -14.35
HC21 MLA C . 11.14 -2.45 -13.22
HC22 MLA C . 10.81 -1.93 -14.69
C1 MLA D . 2.39 -3.39 17.62
O1A MLA D . 2.79 -4.12 16.67
O1B MLA D . 1.96 -3.90 18.68
C2 MLA D . 2.43 -1.88 17.49
C3 MLA D . 1.29 -1.42 16.61
O3A MLA D . 0.11 -1.82 16.81
O3B MLA D . 1.49 -0.62 15.67
HC21 MLA D . 2.36 -1.48 18.37
HC22 MLA D . 3.28 -1.61 17.08
#